data_7BA7
#
_entry.id   7BA7
#
_cell.length_a   81.319
_cell.length_b   111.740
_cell.length_c   62.135
_cell.angle_alpha   90.000
_cell.angle_beta   90.000
_cell.angle_gamma   90.000
#
_symmetry.space_group_name_H-M   'C 2 2 21'
#
loop_
_entity.id
_entity.type
_entity.pdbx_description
1 polymer '14-3-3 protein sigma'
2 polymer 'Estrogen receptor'
3 non-polymer 'MAGNESIUM ION'
4 non-polymer 2-[3,5-bis(chloranyl)phenoxy]-2-methyl-~{N}-(2-sulfanylethyl)propanamide
5 water water
#
loop_
_entity_poly.entity_id
_entity_poly.type
_entity_poly.pdbx_seq_one_letter_code
_entity_poly.pdbx_strand_id
1 'polypeptide(L)'
;GAMGSMERASLIQKAKLAEQAERYEDMAAFMKGAVEKGEELSNEERCLLSVAYKNVVGGQRAAWRVLSSIEQKSNEEGSE
EKGPEVREYREKVETELQGVCDTVLGLLDSHLIKEAGDAESRVFYLKMKGDYYRYLAEVATGDDKKRIIDSARSAYQEAM
DISKKEMPPTNPIRLGLALNFSVFHYEIANSPEEAISLAKTTFDEAMADLHTLSEDSYKDSTLIMQLLRDNLTLWT
;
A
2 'polypeptide(L)' AEGFPA(TPO)V B
#
# COMPACT_ATOMS: atom_id res chain seq x y z
N GLY A 1 -3.50 23.00 -8.46
CA GLY A 1 -4.37 21.90 -8.06
C GLY A 1 -5.83 22.29 -8.08
N ALA A 2 -6.66 21.40 -8.64
CA ALA A 2 -8.09 21.68 -8.76
C ALA A 2 -8.77 21.82 -7.39
N MET A 3 -8.14 21.33 -6.33
CA MET A 3 -8.68 21.44 -4.98
C MET A 3 -8.11 22.64 -4.22
N GLY A 4 -7.28 23.46 -4.87
CA GLY A 4 -6.60 24.55 -4.20
C GLY A 4 -7.51 25.58 -3.56
N SER A 5 -8.71 25.76 -4.09
CA SER A 5 -9.63 26.76 -3.59
C SER A 5 -10.56 26.24 -2.51
N MET A 6 -10.52 24.95 -2.19
CA MET A 6 -11.43 24.41 -1.19
C MET A 6 -10.76 24.33 0.17
N GLU A 7 -11.53 24.66 1.21
CA GLU A 7 -11.04 24.61 2.58
C GLU A 7 -10.56 23.21 2.94
N ARG A 8 -9.49 23.14 3.72
CA ARG A 8 -8.98 21.84 4.17
C ARG A 8 -10.08 21.01 4.83
N ALA A 9 -10.86 21.63 5.73
CA ALA A 9 -11.87 20.87 6.45
C ALA A 9 -12.97 20.38 5.51
N SER A 10 -13.29 21.16 4.49
CA SER A 10 -14.29 20.72 3.52
C SER A 10 -13.77 19.57 2.67
N LEU A 11 -12.48 19.57 2.35
CA LEU A 11 -11.89 18.44 1.63
C LEU A 11 -11.98 17.15 2.47
N ILE A 12 -11.68 17.24 3.76
CA ILE A 12 -11.75 16.06 4.62
C ILE A 12 -13.19 15.58 4.74
N GLN A 13 -14.13 16.51 4.95
CA GLN A 13 -15.54 16.15 5.00
C GLN A 13 -15.98 15.45 3.73
N LYS A 14 -15.61 16.00 2.56
CA LYS A 14 -16.02 15.38 1.31
C LYS A 14 -15.31 14.05 1.06
N ALA A 15 -14.07 13.88 1.52
CA ALA A 15 -13.44 12.57 1.43
C ALA A 15 -14.24 11.52 2.19
N LYS A 16 -14.76 11.88 3.37
CA LYS A 16 -15.59 10.95 4.14
C LYS A 16 -16.89 10.65 3.42
N LEU A 17 -17.51 11.66 2.80
CA LEU A 17 -18.72 11.44 2.03
C LEU A 17 -18.44 10.53 0.84
N ALA A 18 -17.32 10.77 0.14
CA ALA A 18 -16.96 9.96 -1.00
C ALA A 18 -16.76 8.51 -0.59
N GLU A 19 -16.17 8.27 0.58
CA GLU A 19 -16.02 6.91 1.06
C GLU A 19 -17.37 6.24 1.25
N GLN A 20 -18.31 6.95 1.90
CA GLN A 20 -19.64 6.39 2.10
C GLN A 20 -20.31 6.07 0.76
N ALA A 21 -20.04 6.86 -0.27
CA ALA A 21 -20.61 6.66 -1.59
C ALA A 21 -19.79 5.71 -2.46
N GLU A 22 -18.71 5.14 -1.92
CA GLU A 22 -17.81 4.25 -2.66
C GLU A 22 -17.25 4.91 -3.92
N ARG A 23 -16.97 6.20 -3.82
CA ARG A 23 -16.40 6.99 -4.90
C ARG A 23 -14.93 7.24 -4.56
N TYR A 24 -14.11 6.22 -4.77
CA TYR A 24 -12.75 6.26 -4.24
C TYR A 24 -11.84 7.18 -5.03
N GLU A 25 -12.07 7.35 -6.33
CA GLU A 25 -11.28 8.32 -7.08
C GLU A 25 -11.52 9.73 -6.54
N ASP A 26 -12.78 10.08 -6.29
CA ASP A 26 -13.10 11.36 -5.66
C ASP A 26 -12.44 11.46 -4.30
N MET A 27 -12.56 10.39 -3.49
CA MET A 27 -11.97 10.39 -2.16
C MET A 27 -10.47 10.68 -2.22
N ALA A 28 -9.77 10.05 -3.17
CA ALA A 28 -8.35 10.28 -3.30
C ALA A 28 -8.05 11.71 -3.73
N ALA A 29 -8.83 12.25 -4.66
CA ALA A 29 -8.58 13.62 -5.09
C ALA A 29 -8.80 14.60 -3.95
N PHE A 30 -9.83 14.35 -3.13
CA PHE A 30 -10.06 15.22 -1.97
C PHE A 30 -8.90 15.14 -0.99
N MET A 31 -8.41 13.93 -0.74
CA MET A 31 -7.31 13.78 0.22
C MET A 31 -6.01 14.34 -0.33
N LYS A 32 -5.75 14.18 -1.63
CA LYS A 32 -4.63 14.87 -2.26
C LYS A 32 -4.71 16.37 -2.02
N GLY A 33 -5.89 16.96 -2.24
CA GLY A 33 -6.07 18.37 -1.96
C GLY A 33 -5.78 18.74 -0.52
N ALA A 34 -6.21 17.89 0.42
CA ALA A 34 -5.96 18.15 1.83
C ALA A 34 -4.47 18.10 2.15
N VAL A 35 -3.76 17.08 1.64
CA VAL A 35 -2.31 17.00 1.85
C VAL A 35 -1.63 18.26 1.33
N GLU A 36 -2.05 18.74 0.16
CA GLU A 36 -1.38 19.87 -0.45
C GLU A 36 -1.63 21.19 0.27
N LYS A 37 -2.50 21.21 1.28
CA LYS A 37 -2.60 22.39 2.15
C LYS A 37 -1.33 22.59 2.96
N GLY A 38 -0.49 21.56 3.08
CA GLY A 38 0.82 21.73 3.71
C GLY A 38 0.87 21.41 5.18
N GLU A 39 -0.27 21.22 5.83
CA GLU A 39 -0.30 20.89 7.24
C GLU A 39 -0.15 19.39 7.42
N GLU A 40 0.39 18.99 8.58
CA GLU A 40 0.49 17.57 8.86
C GLU A 40 -0.90 16.94 8.99
N LEU A 41 -0.96 15.63 8.82
CA LEU A 41 -2.21 14.88 8.87
C LEU A 41 -2.37 14.21 10.21
N SER A 42 -3.60 14.17 10.70
CA SER A 42 -3.92 13.39 11.89
C SER A 42 -3.99 11.90 11.55
N ASN A 43 -4.13 11.07 12.58
N ASN A 43 -4.13 11.08 12.58
CA ASN A 43 -4.24 9.63 12.35
CA ASN A 43 -4.26 9.63 12.40
C ASN A 43 -5.41 9.30 11.45
C ASN A 43 -5.41 9.31 11.47
N GLU A 44 -6.59 9.87 11.73
CA GLU A 44 -7.76 9.60 10.91
C GLU A 44 -7.55 10.06 9.48
N GLU A 45 -6.91 11.22 9.30
CA GLU A 45 -6.68 11.74 7.95
C GLU A 45 -5.69 10.86 7.18
N ARG A 46 -4.67 10.33 7.86
CA ARG A 46 -3.78 9.38 7.21
C ARG A 46 -4.53 8.14 6.76
N CYS A 47 -5.46 7.67 7.61
CA CYS A 47 -6.29 6.53 7.23
C CYS A 47 -7.11 6.84 5.98
N LEU A 48 -7.74 8.03 5.94
CA LEU A 48 -8.53 8.41 4.77
C LEU A 48 -7.68 8.44 3.51
N LEU A 49 -6.47 9.03 3.61
CA LEU A 49 -5.57 9.08 2.46
C LEU A 49 -5.21 7.67 1.98
N SER A 50 -4.82 6.80 2.92
CA SER A 50 -4.36 5.48 2.54
C SER A 50 -5.50 4.64 1.97
N VAL A 51 -6.68 4.71 2.58
CA VAL A 51 -7.81 3.91 2.11
C VAL A 51 -8.23 4.37 0.72
N ALA A 52 -8.22 5.69 0.48
CA ALA A 52 -8.63 6.21 -0.82
C ALA A 52 -7.73 5.67 -1.92
N TYR A 53 -6.43 5.88 -1.77
CA TYR A 53 -5.52 5.45 -2.83
C TYR A 53 -5.40 3.93 -2.92
N LYS A 54 -5.48 3.21 -1.79
CA LYS A 54 -5.44 1.76 -1.84
C LYS A 54 -6.57 1.21 -2.70
N ASN A 55 -7.76 1.82 -2.59
CA ASN A 55 -8.90 1.36 -3.38
C ASN A 55 -8.74 1.72 -4.85
N VAL A 56 -8.25 2.93 -5.15
CA VAL A 56 -8.03 3.32 -6.54
C VAL A 56 -7.01 2.39 -7.19
N VAL A 57 -5.83 2.26 -6.59
CA VAL A 57 -4.80 1.43 -7.21
C VAL A 57 -5.17 -0.03 -7.16
N GLY A 58 -5.96 -0.45 -6.17
CA GLY A 58 -6.36 -1.84 -6.10
C GLY A 58 -7.22 -2.23 -7.29
N GLY A 59 -8.14 -1.35 -7.67
CA GLY A 59 -8.91 -1.60 -8.88
C GLY A 59 -8.05 -1.60 -10.12
N GLN A 60 -7.05 -0.72 -10.18
CA GLN A 60 -6.17 -0.70 -11.35
C GLN A 60 -5.34 -1.97 -11.43
N ARG A 61 -4.83 -2.43 -10.29
CA ARG A 61 -4.04 -3.65 -10.28
C ARG A 61 -4.88 -4.84 -10.70
N ALA A 62 -6.12 -4.92 -10.23
CA ALA A 62 -6.98 -6.03 -10.62
C ALA A 62 -7.21 -6.02 -12.11
N ALA A 63 -7.46 -4.84 -12.69
CA ALA A 63 -7.68 -4.74 -14.13
C ALA A 63 -6.40 -5.10 -14.89
N TRP A 64 -5.26 -4.59 -14.41
CA TRP A 64 -3.99 -4.92 -15.04
C TRP A 64 -3.75 -6.43 -15.06
N ARG A 65 -4.10 -7.12 -13.96
CA ARG A 65 -3.86 -8.57 -13.92
C ARG A 65 -4.74 -9.31 -14.91
N VAL A 66 -5.99 -8.87 -15.06
CA VAL A 66 -6.88 -9.47 -16.05
C VAL A 66 -6.29 -9.30 -17.44
N LEU A 67 -5.88 -8.08 -17.76
CA LEU A 67 -5.38 -7.81 -19.11
C LEU A 67 -4.04 -8.50 -19.36
N SER A 68 -3.16 -8.51 -18.35
CA SER A 68 -1.88 -9.19 -18.51
C SER A 68 -2.06 -10.68 -18.74
N SER A 69 -3.04 -11.29 -18.05
CA SER A 69 -3.33 -12.70 -18.26
C SER A 69 -3.82 -12.94 -19.68
N ILE A 70 -4.71 -12.08 -20.18
CA ILE A 70 -5.17 -12.22 -21.56
C ILE A 70 -4.02 -12.04 -22.53
N GLU A 71 -3.14 -11.08 -22.25
CA GLU A 71 -2.01 -10.81 -23.13
C GLU A 71 -1.06 -12.01 -23.21
N GLN A 72 -0.80 -12.64 -22.06
CA GLN A 72 0.08 -13.81 -22.04
C GLN A 72 -0.53 -14.98 -22.80
N LYS A 73 -1.84 -15.22 -22.62
CA LYS A 73 -2.50 -16.29 -23.36
C LYS A 73 -2.50 -16.02 -24.86
N SER A 74 -2.53 -14.75 -25.27
CA SER A 74 -2.48 -14.41 -26.69
C SER A 74 -1.09 -14.56 -27.27
N ASN A 75 -0.07 -14.66 -26.43
CA ASN A 75 1.31 -14.78 -26.89
C ASN A 75 1.85 -16.20 -26.79
N GLU A 76 1.04 -17.17 -26.38
CA GLU A 76 1.46 -18.56 -26.40
C GLU A 76 1.45 -19.10 -27.82
N GLU A 77 2.04 -20.28 -28.01
CA GLU A 77 2.04 -20.92 -29.32
C GLU A 77 0.70 -21.58 -29.58
N GLY A 78 0.20 -21.42 -30.80
CA GLY A 78 -1.11 -21.89 -31.17
C GLY A 78 -2.21 -20.84 -31.06
N SER A 79 -1.97 -19.77 -30.30
CA SER A 79 -2.96 -18.71 -30.18
C SER A 79 -3.00 -17.89 -31.47
N GLU A 80 -4.17 -17.35 -31.77
CA GLU A 80 -4.34 -16.53 -32.96
C GLU A 80 -3.88 -15.11 -32.68
N GLU A 81 -3.11 -14.55 -33.61
CA GLU A 81 -2.64 -13.17 -33.49
C GLU A 81 -3.82 -12.22 -33.47
N LYS A 82 -4.05 -11.57 -32.33
CA LYS A 82 -5.15 -10.63 -32.19
C LYS A 82 -4.73 -9.19 -32.44
N GLY A 83 -3.48 -8.94 -32.82
CA GLY A 83 -3.01 -7.60 -33.07
C GLY A 83 -2.49 -6.95 -31.82
N PRO A 84 -2.25 -5.63 -31.89
CA PRO A 84 -1.63 -4.91 -30.77
C PRO A 84 -2.59 -4.50 -29.67
N GLU A 85 -3.89 -4.81 -29.79
CA GLU A 85 -4.89 -4.15 -28.95
C GLU A 85 -4.76 -4.55 -27.49
N VAL A 86 -4.50 -5.83 -27.19
CA VAL A 86 -4.40 -6.25 -25.80
C VAL A 86 -3.20 -5.58 -25.12
N ARG A 87 -2.04 -5.61 -25.78
CA ARG A 87 -0.87 -4.93 -25.24
C ARG A 87 -1.14 -3.44 -25.06
N GLU A 88 -1.73 -2.80 -26.07
CA GLU A 88 -2.00 -1.37 -25.97
C GLU A 88 -2.89 -1.07 -24.78
N TYR A 89 -3.94 -1.85 -24.57
CA TYR A 89 -4.86 -1.52 -23.50
C TYR A 89 -4.24 -1.86 -22.14
N ARG A 90 -3.49 -2.96 -22.06
CA ARG A 90 -2.74 -3.24 -20.84
C ARG A 90 -1.77 -2.11 -20.53
N GLU A 91 -1.10 -1.59 -21.55
CA GLU A 91 -0.19 -0.47 -21.36
C GLU A 91 -0.93 0.78 -20.87
N LYS A 92 -2.13 1.02 -21.40
CA LYS A 92 -2.90 2.18 -20.97
C LYS A 92 -3.25 2.09 -19.49
N VAL A 93 -3.75 0.93 -19.06
CA VAL A 93 -4.05 0.73 -17.64
C VAL A 93 -2.77 0.84 -16.82
N GLU A 94 -1.68 0.25 -17.32
CA GLU A 94 -0.40 0.28 -16.61
C GLU A 94 0.09 1.71 -16.43
N THR A 95 -0.05 2.54 -17.46
CA THR A 95 0.42 3.92 -17.37
C THR A 95 -0.42 4.72 -16.38
N GLU A 96 -1.72 4.45 -16.34
N GLU A 96 -1.72 4.46 -16.34
CA GLU A 96 -2.60 5.11 -15.38
CA GLU A 96 -2.56 5.14 -15.36
C GLU A 96 -2.26 4.69 -13.95
C GLU A 96 -2.21 4.70 -13.94
N LEU A 97 -1.95 3.40 -13.75
CA LEU A 97 -1.53 2.91 -12.43
C LEU A 97 -0.22 3.55 -12.01
N GLN A 98 0.76 3.59 -12.92
CA GLN A 98 2.02 4.24 -12.62
C GLN A 98 1.82 5.71 -12.26
N GLY A 99 0.89 6.37 -12.95
CA GLY A 99 0.61 7.75 -12.62
C GLY A 99 0.08 7.93 -11.22
N VAL A 100 -0.82 7.03 -10.80
CA VAL A 100 -1.35 7.09 -9.44
C VAL A 100 -0.25 6.84 -8.42
N CYS A 101 0.60 5.84 -8.67
CA CYS A 101 1.71 5.58 -7.76
C CYS A 101 2.65 6.78 -7.68
N ASP A 102 2.96 7.40 -8.82
CA ASP A 102 3.84 8.56 -8.80
C ASP A 102 3.21 9.71 -8.02
N THR A 103 1.88 9.85 -8.12
CA THR A 103 1.19 10.89 -7.37
C THR A 103 1.33 10.67 -5.87
N VAL A 104 1.07 9.45 -5.40
CA VAL A 104 1.16 9.15 -3.97
C VAL A 104 2.59 9.32 -3.50
N LEU A 105 3.55 8.74 -4.23
CA LEU A 105 4.94 8.89 -3.83
C LEU A 105 5.35 10.36 -3.82
N GLY A 106 4.78 11.16 -4.72
CA GLY A 106 5.07 12.59 -4.71
C GLY A 106 4.54 13.30 -3.48
N LEU A 107 3.35 12.90 -3.01
CA LEU A 107 2.83 13.48 -1.78
C LEU A 107 3.68 13.07 -0.59
N LEU A 108 4.16 11.82 -0.57
CA LEU A 108 4.98 11.37 0.54
C LEU A 108 6.31 12.09 0.56
N ASP A 109 6.87 12.38 -0.62
CA ASP A 109 8.16 13.02 -0.69
C ASP A 109 8.07 14.54 -0.54
N SER A 110 6.89 15.11 -0.78
CA SER A 110 6.69 16.56 -0.78
C SER A 110 5.35 16.86 -0.10
N HIS A 111 5.32 16.85 1.24
CA HIS A 111 6.48 16.71 2.12
C HIS A 111 6.09 15.93 3.37
N LEU A 112 5.26 14.90 3.19
CA LEU A 112 4.71 14.20 4.35
C LEU A 112 5.79 13.52 5.19
N ILE A 113 6.71 12.80 4.54
CA ILE A 113 7.69 12.02 5.29
C ILE A 113 8.63 12.92 6.07
N LYS A 114 9.14 13.98 5.43
CA LYS A 114 10.14 14.80 6.10
C LYS A 114 9.58 15.53 7.32
N GLU A 115 8.27 15.77 7.35
CA GLU A 115 7.68 16.42 8.53
C GLU A 115 7.15 15.44 9.56
N ALA A 116 7.23 14.14 9.32
CA ALA A 116 6.66 13.14 10.21
C ALA A 116 7.70 12.73 11.24
N GLY A 117 7.52 13.21 12.48
CA GLY A 117 8.47 12.96 13.54
C GLY A 117 8.03 11.90 14.54
N ASP A 118 6.73 11.71 14.70
CA ASP A 118 6.24 10.67 15.59
C ASP A 118 6.26 9.33 14.88
N ALA A 119 6.50 8.27 15.65
CA ALA A 119 6.58 6.93 15.06
C ALA A 119 5.32 6.58 14.29
N GLU A 120 4.14 6.88 14.84
CA GLU A 120 2.90 6.46 14.21
C GLU A 120 2.70 7.11 12.84
N SER A 121 3.15 8.35 12.67
CA SER A 121 3.03 8.96 11.35
C SER A 121 4.16 8.51 10.43
N ARG A 122 5.40 8.54 10.93
CA ARG A 122 6.54 8.23 10.07
C ARG A 122 6.50 6.79 9.57
N VAL A 123 6.20 5.84 10.46
CA VAL A 123 6.07 4.45 10.04
C VAL A 123 4.96 4.28 9.02
N PHE A 124 3.82 4.93 9.24
CA PHE A 124 2.68 4.82 8.31
C PHE A 124 3.07 5.30 6.92
N TYR A 125 3.74 6.46 6.83
CA TYR A 125 4.11 7.01 5.54
C TYR A 125 5.20 6.16 4.87
N LEU A 126 6.15 5.65 5.65
CA LEU A 126 7.19 4.82 5.03
C LEU A 126 6.60 3.50 4.54
N LYS A 127 5.62 2.95 5.26
CA LYS A 127 4.90 1.79 4.75
C LYS A 127 4.23 2.11 3.43
N MET A 128 3.53 3.25 3.36
CA MET A 128 2.89 3.65 2.10
C MET A 128 3.92 3.75 0.98
N LYS A 129 5.08 4.35 1.27
CA LYS A 129 6.13 4.46 0.25
C LYS A 129 6.55 3.09 -0.26
N GLY A 130 6.75 2.14 0.67
CA GLY A 130 7.04 0.78 0.26
C GLY A 130 5.93 0.16 -0.58
N ASP A 131 4.68 0.40 -0.18
CA ASP A 131 3.54 -0.17 -0.90
C ASP A 131 3.51 0.33 -2.34
N TYR A 132 3.69 1.65 -2.53
CA TYR A 132 3.52 2.20 -3.87
C TYR A 132 4.71 1.89 -4.77
N TYR A 133 5.92 1.78 -4.21
CA TYR A 133 7.01 1.22 -4.99
C TYR A 133 6.77 -0.25 -5.29
N ARG A 134 6.15 -0.99 -4.36
CA ARG A 134 5.80 -2.38 -4.65
C ARG A 134 4.82 -2.49 -5.81
N TYR A 135 3.82 -1.61 -5.86
CA TYR A 135 2.89 -1.63 -7.00
C TYR A 135 3.59 -1.28 -8.30
N LEU A 136 4.52 -0.32 -8.28
CA LEU A 136 5.34 -0.07 -9.46
C LEU A 136 6.15 -1.31 -9.84
N ALA A 137 6.68 -2.02 -8.84
CA ALA A 137 7.48 -3.21 -9.13
C ALA A 137 6.67 -4.31 -9.78
N GLU A 138 5.37 -4.43 -9.44
CA GLU A 138 4.52 -5.46 -10.01
C GLU A 138 4.44 -5.36 -11.52
N VAL A 139 4.59 -4.14 -12.06
CA VAL A 139 4.46 -3.91 -13.51
C VAL A 139 5.78 -3.55 -14.17
N ALA A 140 6.88 -3.53 -13.43
CA ALA A 140 8.14 -3.01 -13.96
C ALA A 140 8.86 -4.07 -14.78
N THR A 141 9.49 -3.62 -15.88
CA THR A 141 10.28 -4.52 -16.74
C THR A 141 11.58 -3.91 -17.25
N GLY A 142 11.87 -2.64 -16.95
CA GLY A 142 12.93 -1.91 -17.63
C GLY A 142 14.22 -1.85 -16.85
N ASP A 143 15.07 -0.88 -17.22
CA ASP A 143 16.40 -0.74 -16.64
C ASP A 143 16.34 -0.43 -15.15
N ASP A 144 15.26 0.20 -14.69
CA ASP A 144 15.15 0.63 -13.30
C ASP A 144 14.37 -0.34 -12.43
N LYS A 145 14.05 -1.53 -12.94
CA LYS A 145 13.25 -2.48 -12.18
C LYS A 145 13.92 -2.84 -10.85
N LYS A 146 15.21 -3.14 -10.88
CA LYS A 146 15.87 -3.51 -9.63
C LYS A 146 15.89 -2.33 -8.65
N ARG A 147 16.03 -1.11 -9.17
CA ARG A 147 16.03 0.05 -8.28
C ARG A 147 14.63 0.32 -7.74
N ILE A 148 13.58 0.01 -8.51
CA ILE A 148 12.23 0.14 -7.98
C ILE A 148 12.00 -0.84 -6.84
N ILE A 149 12.42 -2.09 -7.05
CA ILE A 149 12.32 -3.10 -5.99
C ILE A 149 13.08 -2.68 -4.76
N ASP A 150 14.28 -2.14 -4.95
CA ASP A 150 15.06 -1.76 -3.78
C ASP A 150 14.53 -0.51 -3.10
N SER A 151 13.86 0.38 -3.84
CA SER A 151 13.21 1.52 -3.20
C SER A 151 12.08 1.07 -2.29
N ALA A 152 11.31 0.05 -2.72
CA ALA A 152 10.30 -0.53 -1.83
C ALA A 152 10.96 -1.13 -0.61
N ARG A 153 11.99 -1.96 -0.81
CA ARG A 153 12.68 -2.62 0.30
C ARG A 153 13.23 -1.59 1.29
N SER A 154 13.89 -0.55 0.78
CA SER A 154 14.49 0.47 1.64
C SER A 154 13.44 1.18 2.48
N ALA A 155 12.31 1.55 1.87
CA ALA A 155 11.26 2.23 2.61
C ALA A 155 10.69 1.33 3.70
N TYR A 156 10.35 0.08 3.32
CA TYR A 156 9.83 -0.87 4.30
C TYR A 156 10.83 -1.10 5.41
N GLN A 157 12.12 -1.19 5.07
CA GLN A 157 13.12 -1.49 6.10
C GLN A 157 13.25 -0.35 7.09
N GLU A 158 13.24 0.90 6.61
CA GLU A 158 13.30 2.03 7.53
C GLU A 158 12.08 2.05 8.44
N ALA A 159 10.90 1.75 7.89
CA ALA A 159 9.69 1.68 8.70
C ALA A 159 9.80 0.56 9.74
N MET A 160 10.34 -0.59 9.34
CA MET A 160 10.49 -1.70 10.28
C MET A 160 11.44 -1.31 11.40
N ASP A 161 12.55 -0.66 11.06
CA ASP A 161 13.52 -0.28 12.09
C ASP A 161 12.89 0.66 13.12
N ILE A 162 12.14 1.66 12.67
CA ILE A 162 11.47 2.57 13.58
C ILE A 162 10.42 1.85 14.39
N SER A 163 9.62 1.00 13.74
CA SER A 163 8.52 0.32 14.43
C SER A 163 9.05 -0.60 15.52
N LYS A 164 10.17 -1.28 15.27
CA LYS A 164 10.70 -2.18 16.28
C LYS A 164 11.23 -1.43 17.49
N LYS A 165 11.70 -0.20 17.29
CA LYS A 165 12.24 0.58 18.40
C LYS A 165 11.17 1.36 19.15
N GLU A 166 10.10 1.78 18.48
CA GLU A 166 9.18 2.78 19.02
C GLU A 166 7.75 2.30 19.25
N MET A 167 7.36 1.12 18.76
CA MET A 167 5.99 0.66 18.86
C MET A 167 5.93 -0.72 19.48
N PRO A 168 4.87 -1.03 20.21
CA PRO A 168 4.69 -2.39 20.71
C PRO A 168 4.42 -3.34 19.58
N PRO A 169 4.67 -4.65 19.77
CA PRO A 169 4.48 -5.61 18.67
C PRO A 169 3.04 -5.78 18.23
N THR A 170 2.07 -5.31 19.01
CA THR A 170 0.66 -5.38 18.61
C THR A 170 0.17 -4.12 17.92
N ASN A 171 0.97 -3.07 17.81
CA ASN A 171 0.51 -1.84 17.18
CA ASN A 171 0.51 -1.84 17.18
C ASN A 171 0.02 -2.14 15.76
N PRO A 172 -1.21 -1.78 15.40
CA PRO A 172 -1.72 -2.17 14.08
C PRO A 172 -0.91 -1.62 12.91
N ILE A 173 -0.26 -0.46 13.06
CA ILE A 173 0.59 0.04 12.00
C ILE A 173 1.80 -0.86 11.83
N ARG A 174 2.44 -1.23 12.95
CA ARG A 174 3.56 -2.16 12.89
C ARG A 174 3.15 -3.49 12.28
N LEU A 175 1.97 -4.00 12.67
CA LEU A 175 1.48 -5.26 12.11
C LEU A 175 1.19 -5.15 10.62
N GLY A 176 0.53 -4.08 10.21
CA GLY A 176 0.21 -3.93 8.79
C GLY A 176 1.45 -3.76 7.95
N LEU A 177 2.43 -3.04 8.48
CA LEU A 177 3.71 -2.92 7.78
C LEU A 177 4.35 -4.29 7.59
N ALA A 178 4.42 -5.09 8.64
CA ALA A 178 5.05 -6.40 8.56
C ALA A 178 4.29 -7.32 7.60
N LEU A 179 2.96 -7.28 7.65
CA LEU A 179 2.15 -8.03 6.69
C LEU A 179 2.54 -7.69 5.26
N ASN A 180 2.62 -6.40 4.95
CA ASN A 180 2.87 -5.98 3.58
C ASN A 180 4.31 -6.23 3.17
N PHE A 181 5.26 -5.99 4.08
CA PHE A 181 6.67 -6.27 3.76
C PHE A 181 6.87 -7.75 3.53
N SER A 182 6.16 -8.59 4.28
CA SER A 182 6.21 -10.03 4.06
C SER A 182 5.71 -10.38 2.67
N VAL A 183 4.61 -9.76 2.24
CA VAL A 183 4.12 -9.98 0.88
C VAL A 183 5.13 -9.48 -0.16
N PHE A 184 5.77 -8.33 0.10
CA PHE A 184 6.84 -7.87 -0.77
C PHE A 184 7.90 -8.97 -0.94
N HIS A 185 8.37 -9.55 0.17
CA HIS A 185 9.37 -10.62 0.08
C HIS A 185 8.88 -11.78 -0.78
N TYR A 186 7.62 -12.19 -0.59
CA TYR A 186 7.12 -13.37 -1.29
C TYR A 186 6.91 -13.08 -2.77
N GLU A 187 6.25 -11.98 -3.09
CA GLU A 187 5.76 -11.76 -4.45
C GLU A 187 6.72 -10.94 -5.31
N ILE A 188 7.54 -10.09 -4.71
CA ILE A 188 8.40 -9.16 -5.44
C ILE A 188 9.86 -9.59 -5.39
N ALA A 189 10.35 -9.93 -4.20
CA ALA A 189 11.76 -10.23 -4.00
C ALA A 189 12.10 -11.69 -4.22
N ASN A 190 11.11 -12.53 -4.55
CA ASN A 190 11.35 -13.96 -4.74
C ASN A 190 12.05 -14.57 -3.53
N SER A 191 11.62 -14.13 -2.34
CA SER A 191 12.19 -14.55 -1.06
C SER A 191 11.09 -15.14 -0.18
N PRO A 192 10.51 -16.29 -0.57
CA PRO A 192 9.42 -16.86 0.24
C PRO A 192 9.84 -17.22 1.66
N GLU A 193 11.07 -17.68 1.89
CA GLU A 193 11.47 -18.01 3.25
C GLU A 193 11.49 -16.77 4.14
N GLU A 194 12.00 -15.65 3.61
CA GLU A 194 11.96 -14.40 4.37
C GLU A 194 10.53 -13.95 4.63
N ALA A 195 9.65 -14.09 3.64
CA ALA A 195 8.25 -13.73 3.81
C ALA A 195 7.61 -14.54 4.94
N ILE A 196 7.85 -15.85 4.95
CA ILE A 196 7.27 -16.73 5.96
C ILE A 196 7.87 -16.43 7.34
N SER A 197 9.19 -16.25 7.41
CA SER A 197 9.82 -15.96 8.69
C SER A 197 9.31 -14.65 9.27
N LEU A 198 9.17 -13.63 8.43
CA LEU A 198 8.68 -12.35 8.93
C LEU A 198 7.24 -12.46 9.42
N ALA A 199 6.39 -13.15 8.67
CA ALA A 199 5.00 -13.28 9.10
C ALA A 199 4.88 -14.07 10.40
N LYS A 200 5.66 -15.14 10.55
CA LYS A 200 5.57 -15.96 11.75
C LYS A 200 6.10 -15.22 12.97
N THR A 201 7.27 -14.59 12.86
CA THR A 201 7.82 -13.85 13.99
C THR A 201 6.91 -12.70 14.38
N THR A 202 6.35 -11.99 13.39
CA THR A 202 5.42 -10.90 13.70
C THR A 202 4.21 -11.44 14.44
N PHE A 203 3.64 -12.54 13.95
CA PHE A 203 2.45 -13.11 14.59
C PHE A 203 2.75 -13.51 16.03
N ASP A 204 3.87 -14.22 16.25
CA ASP A 204 4.17 -14.75 17.58
C ASP A 204 4.47 -13.63 18.57
N GLU A 205 5.20 -12.61 18.14
CA GLU A 205 5.49 -11.49 19.04
C GLU A 205 4.22 -10.71 19.38
N ALA A 206 3.30 -10.57 18.42
CA ALA A 206 2.05 -9.91 18.75
C ALA A 206 1.23 -10.76 19.72
N MET A 207 1.16 -12.07 19.48
CA MET A 207 0.40 -12.95 20.36
C MET A 207 0.81 -12.76 21.82
N ALA A 208 2.11 -12.69 22.07
CA ALA A 208 2.63 -12.57 23.42
C ALA A 208 2.39 -11.21 24.05
N ASP A 209 1.93 -10.22 23.28
CA ASP A 209 1.67 -8.87 23.77
C ASP A 209 0.17 -8.56 23.87
N LEU A 210 -0.69 -9.47 23.42
CA LEU A 210 -2.13 -9.20 23.43
C LEU A 210 -2.67 -9.01 24.84
N HIS A 211 -2.01 -9.59 25.84
CA HIS A 211 -2.51 -9.51 27.22
C HIS A 211 -2.49 -8.09 27.77
N THR A 212 -1.74 -7.19 27.14
CA THR A 212 -1.67 -5.80 27.58
C THR A 212 -2.78 -4.94 27.04
N LEU A 213 -3.62 -5.46 26.14
CA LEU A 213 -4.53 -4.63 25.36
C LEU A 213 -5.93 -4.59 25.93
N SER A 214 -6.60 -3.47 25.70
CA SER A 214 -8.03 -3.37 25.91
C SER A 214 -8.76 -4.20 24.85
N GLU A 215 -10.07 -4.34 25.05
CA GLU A 215 -10.88 -5.10 24.10
C GLU A 215 -10.87 -4.44 22.71
N ASP A 216 -10.94 -3.12 22.66
CA ASP A 216 -10.92 -2.42 21.37
C ASP A 216 -9.60 -2.63 20.65
N SER A 217 -8.49 -2.48 21.36
CA SER A 217 -7.17 -2.65 20.74
C SER A 217 -6.96 -4.10 20.33
N TYR A 218 -7.45 -5.03 21.14
CA TYR A 218 -7.37 -6.45 20.82
C TYR A 218 -8.03 -6.76 19.48
N LYS A 219 -9.19 -6.17 19.23
CA LYS A 219 -9.90 -6.42 17.98
C LYS A 219 -9.08 -5.95 16.78
N ASP A 220 -8.47 -4.77 16.86
CA ASP A 220 -7.66 -4.26 15.76
C ASP A 220 -6.41 -5.10 15.55
N SER A 221 -5.73 -5.48 16.63
CA SER A 221 -4.50 -6.25 16.49
C SER A 221 -4.79 -7.66 15.97
N THR A 222 -5.82 -8.31 16.51
CA THR A 222 -6.11 -9.67 16.07
C THR A 222 -6.62 -9.72 14.63
N LEU A 223 -7.27 -8.65 14.16
CA LEU A 223 -7.68 -8.60 12.75
C LEU A 223 -6.48 -8.77 11.83
N ILE A 224 -5.42 -8.00 12.09
CA ILE A 224 -4.25 -8.08 11.22
C ILE A 224 -3.49 -9.37 11.46
N MET A 225 -3.46 -9.86 12.70
CA MET A 225 -2.83 -11.16 12.96
C MET A 225 -3.50 -12.27 12.16
N GLN A 226 -4.82 -12.20 11.97
CA GLN A 226 -5.51 -13.19 11.17
C GLN A 226 -5.07 -13.14 9.71
N LEU A 227 -4.81 -11.93 9.19
CA LEU A 227 -4.29 -11.81 7.84
C LEU A 227 -2.90 -12.45 7.72
N LEU A 228 -2.04 -12.23 8.73
CA LEU A 228 -0.74 -12.90 8.75
C LEU A 228 -0.91 -14.41 8.70
N ARG A 229 -1.83 -14.95 9.52
CA ARG A 229 -2.06 -16.39 9.53
C ARG A 229 -2.63 -16.85 8.19
N ASP A 230 -3.53 -16.06 7.59
CA ASP A 230 -4.09 -16.41 6.28
C ASP A 230 -2.98 -16.56 5.25
N ASN A 231 -2.04 -15.62 5.23
CA ASN A 231 -0.94 -15.71 4.28
C ASN A 231 -0.04 -16.90 4.58
N LEU A 232 0.27 -17.12 5.86
CA LEU A 232 1.07 -18.29 6.23
C LEU A 232 0.41 -19.58 5.76
N THR A 233 -0.91 -19.66 5.85
CA THR A 233 -1.63 -20.85 5.39
C THR A 233 -1.56 -21.00 3.87
N LEU A 234 -1.63 -19.89 3.16
CA LEU A 234 -1.48 -19.91 1.71
C LEU A 234 -0.09 -20.38 1.29
N TRP A 235 0.94 -20.04 2.08
CA TRP A 235 2.32 -20.23 1.67
C TRP A 235 2.95 -21.52 2.21
N THR A 236 2.30 -22.20 3.13
CA THR A 236 2.90 -23.39 3.74
C THR A 236 1.98 -24.61 3.65
N PHE B 4 -4.15 -12.55 -4.87
CA PHE B 4 -3.74 -11.62 -3.83
C PHE B 4 -3.59 -12.33 -2.46
N PRO B 5 -2.37 -12.44 -1.93
CA PRO B 5 -2.24 -12.57 -0.49
C PRO B 5 -2.75 -11.28 0.15
N ALA B 6 -3.03 -11.35 1.45
CA ALA B 6 -3.59 -10.22 2.16
C ALA B 6 -2.56 -9.12 2.40
N VAL B 8 -2.72 -4.71 3.82
CA VAL B 8 -3.60 -3.65 4.35
C VAL B 8 -3.12 -2.26 4.02
#